data_3IIC
#
_entry.id   3IIC
#
_cell.length_a   43.646
_cell.length_b   52.075
_cell.length_c   134.429
_cell.angle_alpha   90.000
_cell.angle_beta   90.000
_cell.angle_gamma   90.000
#
_symmetry.space_group_name_H-M   'P 21 21 21'
#
loop_
_entity.id
_entity.type
_entity.pdbx_description
1 polymer 'CheC domain protein'
2 non-polymer 1,2-ETHANEDIOL
3 water water
#
_entity_poly.entity_id   1
_entity_poly.type   'polypeptide(L)'
_entity_poly.pdbx_seq_one_letter_code
;G(MSE)NVDFINPFLDSLLNVLKT(MSE)AN(MSE)ELKPGKPNLKKDNLAKGDVSGLIG(MSE)VGPQTKGSLSITFEE
TLILEI(MSE)NK(MSE)LGEKPESIDEEVTDLVGELTN(MSE)VTGGAKNLLSDKGYEFD(MSE)ATPIVVSGKNHTIA
HKSDGQKII(MSE)PFSSIYGTAYIEICFEG
;
_entity_poly.pdbx_strand_id   A,B
#
# COMPACT_ATOMS: atom_id res chain seq x y z
N ASN A 3 21.69 -1.58 -5.04
CA ASN A 3 22.76 -1.01 -4.22
C ASN A 3 22.54 -1.21 -2.71
N VAL A 4 23.56 -1.75 -2.06
CA VAL A 4 23.59 -1.92 -0.59
C VAL A 4 23.61 -0.53 0.11
N ASP A 5 24.15 0.49 -0.58
CA ASP A 5 24.17 1.89 -0.10
C ASP A 5 22.78 2.51 -0.09
N PHE A 6 21.93 2.05 -1.00
CA PHE A 6 20.56 2.47 -1.09
C PHE A 6 19.68 1.72 -0.08
N ILE A 7 19.84 0.39 -0.02
CA ILE A 7 19.04 -0.46 0.88
C ILE A 7 19.34 -0.25 2.37
N ASN A 8 20.62 -0.24 2.74
CA ASN A 8 21.02 -0.10 4.17
C ASN A 8 20.35 1.00 5.02
N PRO A 9 20.23 2.25 4.50
CA PRO A 9 19.51 3.33 5.21
C PRO A 9 18.07 2.96 5.65
N PHE A 10 17.35 2.22 4.81
CA PHE A 10 15.99 1.74 5.17
C PHE A 10 16.05 0.72 6.31
N LEU A 11 17.01 -0.19 6.25
CA LEU A 11 17.18 -1.24 7.30
C LEU A 11 17.59 -0.64 8.66
N ASP A 12 18.58 0.25 8.62
CA ASP A 12 19.05 0.96 9.80
C ASP A 12 17.92 1.81 10.49
N SER A 13 17.08 2.47 9.69
CA SER A 13 15.99 3.32 10.20
C SER A 13 14.95 2.49 10.92
N LEU A 14 14.63 1.33 10.35
CA LEU A 14 13.75 0.37 10.95
C LEU A 14 14.23 -0.01 12.36
N LEU A 15 15.49 -0.39 12.52
CA LEU A 15 16.03 -0.75 13.85
C LEU A 15 16.09 0.48 14.79
N ASN A 16 16.50 1.62 14.25
CA ASN A 16 16.55 2.87 15.01
CA ASN A 16 16.55 2.89 14.97
C ASN A 16 15.18 3.32 15.48
N VAL A 17 14.16 3.27 14.61
CA VAL A 17 12.79 3.66 14.96
C VAL A 17 12.19 2.70 16.01
N LEU A 18 12.37 1.40 15.81
CA LEU A 18 11.90 0.39 16.79
C LEU A 18 12.57 0.55 18.19
N LYS A 19 13.85 0.92 18.23
CA LYS A 19 14.58 1.18 19.47
C LYS A 19 14.07 2.45 20.17
N THR A 20 13.88 3.53 19.40
CA THR A 20 13.39 4.83 19.88
C THR A 20 11.98 4.72 20.48
N ALA A 22 10.07 1.74 21.35
CA ALA A 22 9.77 0.70 22.35
C ALA A 22 10.96 -0.09 22.88
N ASN A 23 12.19 0.40 22.63
CA ASN A 23 13.41 -0.29 23.02
C ASN A 23 13.45 -1.76 22.54
N GLU A 25 14.69 -4.55 19.98
CA GLU A 25 15.77 -4.96 19.08
C GLU A 25 15.32 -6.26 18.38
N LEU A 26 15.23 -6.23 17.06
CA LEU A 26 14.89 -7.39 16.25
C LEU A 26 16.19 -7.86 15.58
N LYS A 27 16.27 -9.17 15.30
CA LYS A 27 17.43 -9.78 14.66
C LYS A 27 17.18 -9.92 13.13
N PRO A 28 18.06 -9.34 12.27
CA PRO A 28 17.85 -9.53 10.83
C PRO A 28 18.13 -10.97 10.39
N GLY A 29 17.36 -11.46 9.44
CA GLY A 29 17.54 -12.80 8.87
C GLY A 29 17.99 -12.64 7.43
N LYS A 30 17.98 -13.76 6.72
CA LYS A 30 18.45 -13.80 5.36
C LYS A 30 17.38 -13.23 4.44
N PRO A 31 17.77 -12.29 3.57
CA PRO A 31 16.77 -11.69 2.70
C PRO A 31 16.48 -12.47 1.44
N ASN A 32 15.31 -12.22 0.88
CA ASN A 32 14.91 -12.75 -0.42
C ASN A 32 15.07 -11.56 -1.36
N LEU A 33 15.84 -11.77 -2.42
CA LEU A 33 16.14 -10.75 -3.44
C LEU A 33 15.45 -11.04 -4.77
N LYS A 34 14.63 -12.10 -4.84
CA LYS A 34 14.01 -12.56 -6.08
C LYS A 34 12.49 -12.61 -6.13
N LYS A 35 11.83 -12.91 -5.00
CA LYS A 35 10.39 -13.20 -4.97
C LYS A 35 9.75 -12.69 -3.70
N ASP A 36 8.61 -11.99 -3.88
CA ASP A 36 7.79 -11.50 -2.79
C ASP A 36 6.43 -12.22 -2.85
N ASN A 37 5.46 -11.73 -2.08
CA ASN A 37 4.13 -12.33 -1.94
C ASN A 37 4.23 -13.70 -1.23
N LEU A 38 5.25 -13.84 -0.39
CA LEU A 38 5.54 -15.06 0.37
C LEU A 38 5.35 -14.84 1.87
N ALA A 39 5.91 -13.76 2.40
CA ALA A 39 5.83 -13.49 3.83
C ALA A 39 4.40 -13.12 4.24
N LYS A 40 3.94 -13.68 5.35
CA LYS A 40 2.63 -13.41 5.90
C LYS A 40 2.72 -12.54 7.13
N GLY A 41 1.74 -11.65 7.28
CA GLY A 41 1.60 -10.79 8.45
C GLY A 41 0.15 -10.34 8.66
N ASP A 42 -0.08 -9.66 9.78
CA ASP A 42 -1.42 -9.25 10.20
C ASP A 42 -1.73 -7.76 10.07
N VAL A 43 -0.68 -6.94 10.07
CA VAL A 43 -0.81 -5.50 9.86
C VAL A 43 0.46 -5.02 9.13
N SER A 44 0.28 -4.23 8.08
CA SER A 44 1.41 -3.69 7.29
C SER A 44 1.27 -2.20 6.99
N GLY A 45 2.40 -1.48 7.03
CA GLY A 45 2.45 -0.10 6.59
C GLY A 45 3.05 -0.13 5.19
N LEU A 46 2.45 0.63 4.26
CA LEU A 46 2.89 0.69 2.84
C LEU A 46 3.02 2.15 2.36
N ILE A 47 4.12 2.47 1.65
CA ILE A 47 4.37 3.83 1.22
C ILE A 47 5.15 3.86 -0.12
N GLY A 48 4.67 4.72 -1.01
CA GLY A 48 5.27 4.92 -2.30
C GLY A 48 6.32 6.03 -2.26
N VAL A 50 8.86 8.46 -5.10
CA VAL A 50 9.08 9.00 -6.44
C VAL A 50 10.28 9.95 -6.37
N GLY A 51 11.29 9.71 -7.21
CA GLY A 51 12.42 10.64 -7.36
C GLY A 51 12.48 11.06 -8.81
N PRO A 52 13.47 11.92 -9.16
CA PRO A 52 13.60 12.32 -10.59
C PRO A 52 13.95 11.10 -11.48
N GLN A 53 13.03 10.78 -12.39
CA GLN A 53 13.12 9.62 -13.31
C GLN A 53 13.22 8.23 -12.58
N THR A 54 12.69 8.15 -11.36
CA THR A 54 12.71 6.89 -10.57
C THR A 54 11.42 6.77 -9.72
N LYS A 55 11.03 5.52 -9.47
CA LYS A 55 9.89 5.24 -8.62
C LYS A 55 10.11 3.95 -7.80
N GLY A 56 9.53 3.93 -6.62
CA GLY A 56 9.68 2.83 -5.70
C GLY A 56 8.59 2.69 -4.66
N SER A 57 8.81 1.71 -3.79
CA SER A 57 7.84 1.38 -2.76
C SER A 57 8.45 0.66 -1.59
N LEU A 58 7.89 0.92 -0.40
CA LEU A 58 8.32 0.29 0.83
C LEU A 58 7.11 -0.29 1.60
N SER A 59 7.29 -1.47 2.17
CA SER A 59 6.27 -2.05 3.08
C SER A 59 6.97 -2.63 4.30
N ILE A 60 6.32 -2.49 5.45
CA ILE A 60 6.79 -3.04 6.72
C ILE A 60 5.56 -3.81 7.28
N THR A 61 5.70 -5.13 7.42
CA THR A 61 4.65 -6.04 7.86
C THR A 61 5.02 -6.64 9.21
N PHE A 62 4.04 -6.70 10.12
CA PHE A 62 4.19 -7.30 11.46
C PHE A 62 3.23 -8.45 11.68
N GLU A 63 3.72 -9.48 12.40
CA GLU A 63 2.84 -10.55 12.94
C GLU A 63 2.11 -9.88 14.12
N GLU A 64 0.86 -10.28 14.37
CA GLU A 64 0.07 -9.66 15.43
C GLU A 64 0.78 -9.65 16.80
N THR A 65 1.34 -10.76 17.24
CA THR A 65 2.00 -10.84 18.57
C THR A 65 3.13 -9.83 18.74
N LEU A 66 3.87 -9.57 17.66
CA LEU A 66 4.98 -8.62 17.69
C LEU A 66 4.50 -7.17 17.84
N ILE A 67 3.55 -6.74 17.02
CA ILE A 67 3.06 -5.37 17.06
C ILE A 67 2.30 -5.08 18.35
N LEU A 68 1.57 -6.07 18.88
CA LEU A 68 0.89 -5.90 20.18
C LEU A 68 1.90 -5.82 21.35
N GLU A 69 3.04 -6.51 21.26
CA GLU A 69 4.10 -6.39 22.29
C GLU A 69 4.78 -5.01 22.21
N ILE A 70 5.04 -4.53 20.97
CA ILE A 70 5.57 -3.19 20.77
C ILE A 70 4.64 -2.19 21.51
N ASN A 72 2.56 -2.87 23.96
CA ASN A 72 2.68 -3.19 25.38
C ASN A 72 3.91 -2.55 26.05
N LYS A 73 5.05 -2.54 25.36
CA LYS A 73 6.28 -1.91 25.86
C LYS A 73 6.21 -0.38 25.97
N LEU A 75 3.03 1.41 26.20
CA LEU A 75 1.86 1.79 27.03
C LEU A 75 1.67 1.05 28.34
N GLY A 76 2.37 -0.06 28.54
CA GLY A 76 2.18 -0.89 29.74
C GLY A 76 1.09 -1.95 29.64
N GLU A 77 0.34 -2.02 28.52
CA GLU A 77 -0.71 -3.03 28.31
C GLU A 77 -0.97 -3.41 26.82
N LYS A 78 -1.16 -4.71 26.58
CA LYS A 78 -1.46 -5.28 25.23
C LYS A 78 -2.92 -4.98 24.81
N PRO A 79 -3.14 -4.44 23.59
CA PRO A 79 -4.53 -4.23 23.09
C PRO A 79 -5.45 -5.42 22.76
N GLU A 80 -5.00 -6.68 22.87
CA GLU A 80 -5.81 -7.90 22.52
C GLU A 80 -6.01 -8.19 21.03
N SER A 81 -6.33 -7.17 20.22
CA SER A 81 -6.42 -7.27 18.75
C SER A 81 -5.82 -6.03 18.09
N ILE A 82 -5.73 -6.06 16.76
CA ILE A 82 -5.19 -4.95 15.97
C ILE A 82 -6.33 -3.99 15.70
N ASP A 83 -6.29 -2.83 16.36
CA ASP A 83 -7.32 -1.79 16.25
C ASP A 83 -6.76 -0.52 15.63
N GLU A 84 -7.53 0.55 15.69
CA GLU A 84 -7.14 1.83 15.15
C GLU A 84 -5.88 2.37 15.82
N GLU A 85 -5.73 2.21 17.15
CA GLU A 85 -4.50 2.66 17.86
CA GLU A 85 -4.51 2.70 17.82
C GLU A 85 -3.30 2.00 17.21
N VAL A 86 -3.39 0.68 17.01
CA VAL A 86 -2.32 -0.13 16.40
C VAL A 86 -2.04 0.30 14.94
N THR A 87 -3.09 0.53 14.15
CA THR A 87 -2.92 0.94 12.75
C THR A 87 -2.35 2.36 12.68
N ASP A 88 -2.76 3.26 13.60
CA ASP A 88 -2.11 4.60 13.67
C ASP A 88 -0.58 4.50 13.93
N LEU A 89 -0.19 3.55 14.79
CA LEU A 89 1.23 3.35 15.16
C LEU A 89 2.08 2.82 13.98
N VAL A 90 1.50 1.86 13.25
CA VAL A 90 2.12 1.26 12.08
C VAL A 90 2.35 2.34 11.01
N GLY A 91 1.37 3.25 10.79
CA GLY A 91 1.49 4.37 9.83
C GLY A 91 2.60 5.32 10.20
N GLU A 92 2.65 5.68 11.48
CA GLU A 92 3.72 6.52 12.04
C GLU A 92 5.10 5.85 11.90
N LEU A 93 5.21 4.59 12.31
CA LEU A 93 6.47 3.83 12.18
C LEU A 93 6.92 3.82 10.70
N THR A 94 5.98 3.59 9.79
CA THR A 94 6.24 3.61 8.34
C THR A 94 6.79 4.96 7.83
N ASN A 95 6.20 6.07 8.23
CA ASN A 95 6.67 7.41 7.86
C ASN A 95 8.02 7.72 8.43
N VAL A 97 10.45 5.51 9.46
CA VAL A 97 11.44 4.67 8.80
C VAL A 97 11.82 5.26 7.43
N THR A 98 10.80 5.55 6.61
CA THR A 98 11.00 6.13 5.26
C THR A 98 11.69 7.54 5.29
N GLY A 99 11.19 8.42 6.15
CA GLY A 99 11.76 9.76 6.35
C GLY A 99 13.20 9.71 6.85
N GLY A 100 13.47 8.78 7.78
CA GLY A 100 14.83 8.53 8.28
C GLY A 100 15.77 8.08 7.16
N ALA A 101 15.31 7.18 6.30
CA ALA A 101 16.08 6.72 5.13
C ALA A 101 16.25 7.85 4.09
N LYS A 102 15.16 8.60 3.85
CA LYS A 102 15.11 9.77 2.93
C LYS A 102 16.28 10.73 3.23
N ASN A 103 16.52 11.00 4.52
CA ASN A 103 17.63 11.91 4.96
C ASN A 103 19.04 11.37 4.77
N LEU A 104 19.25 10.11 5.18
CA LEU A 104 20.55 9.43 5.03
C LEU A 104 20.96 9.34 3.54
N LEU A 105 19.97 9.03 2.71
CA LEU A 105 20.11 8.92 1.26
C LEU A 105 20.31 10.26 0.53
N SER A 106 19.78 11.36 1.08
CA SER A 106 19.96 12.70 0.49
CA SER A 106 19.96 12.70 0.49
C SER A 106 21.43 13.12 0.55
N ASP A 107 22.10 12.78 1.65
CA ASP A 107 23.53 13.09 1.86
C ASP A 107 24.40 12.33 0.85
N LYS A 108 23.98 11.10 0.51
CA LYS A 108 24.64 10.28 -0.50
C LYS A 108 24.31 10.65 -1.97
N GLY A 109 23.31 11.52 -2.20
CA GLY A 109 22.89 11.94 -3.56
C GLY A 109 21.58 11.35 -4.07
N TYR A 110 21.03 10.34 -3.38
CA TYR A 110 19.75 9.72 -3.77
C TYR A 110 18.64 10.62 -3.21
N GLU A 111 17.79 11.16 -4.09
CA GLU A 111 16.69 12.05 -3.68
C GLU A 111 15.34 11.44 -4.10
N PHE A 112 14.36 11.54 -3.21
CA PHE A 112 12.99 11.13 -3.49
C PHE A 112 12.02 11.76 -2.51
N ASP A 113 10.77 11.88 -2.94
CA ASP A 113 9.69 12.33 -2.09
C ASP A 113 8.82 11.11 -1.86
N ALA A 115 4.95 9.35 -0.68
CA ALA A 115 3.47 9.47 -0.73
C ALA A 115 2.91 9.40 0.69
N THR A 116 1.58 9.39 0.84
CA THR A 116 0.93 9.21 2.15
C THR A 116 0.95 7.69 2.43
N PRO A 117 1.15 7.30 3.69
CA PRO A 117 1.22 5.88 4.00
C PRO A 117 -0.16 5.22 4.10
N ILE A 118 -0.23 3.94 3.74
CA ILE A 118 -1.47 3.15 3.85
C ILE A 118 -1.13 2.03 4.84
N VAL A 119 -2.08 1.74 5.71
CA VAL A 119 -2.00 0.61 6.61
C VAL A 119 -3.06 -0.43 6.24
N VAL A 120 -2.62 -1.68 6.09
CA VAL A 120 -3.46 -2.84 5.76
C VAL A 120 -3.54 -3.69 6.99
N SER A 121 -4.75 -4.06 7.37
CA SER A 121 -5.00 -5.00 8.51
C SER A 121 -5.65 -6.22 7.93
N GLY A 122 -5.18 -7.40 8.27
CA GLY A 122 -5.82 -8.63 7.85
C GLY A 122 -4.96 -9.82 8.20
N LYS A 123 -5.57 -10.86 8.75
CA LYS A 123 -4.84 -12.06 9.17
C LYS A 123 -4.13 -12.70 7.98
N ASN A 124 -2.82 -12.91 8.14
CA ASN A 124 -2.01 -13.64 7.15
C ASN A 124 -2.05 -13.13 5.72
N HIS A 125 -2.03 -11.82 5.54
CA HIS A 125 -2.01 -11.23 4.19
C HIS A 125 -0.57 -11.25 3.68
N THR A 126 -0.45 -11.19 2.35
CA THR A 126 0.82 -11.15 1.65
C THR A 126 0.86 -9.90 0.82
N ILE A 127 2.08 -9.52 0.45
CA ILE A 127 2.39 -8.26 -0.24
C ILE A 127 3.25 -8.50 -1.47
N ALA A 128 2.81 -7.96 -2.62
CA ALA A 128 3.53 -8.02 -3.89
C ALA A 128 3.76 -6.60 -4.37
N HIS A 129 5.03 -6.21 -4.53
CA HIS A 129 5.38 -4.90 -5.10
C HIS A 129 5.51 -5.19 -6.57
N LYS A 130 4.65 -4.60 -7.39
CA LYS A 130 4.62 -4.88 -8.83
C LYS A 130 5.53 -3.91 -9.62
N SER A 131 6.80 -4.29 -9.75
CA SER A 131 7.80 -3.50 -10.43
C SER A 131 8.86 -4.33 -11.13
N ASP A 132 9.47 -3.73 -12.15
CA ASP A 132 10.55 -4.35 -12.90
C ASP A 132 11.89 -4.17 -12.16
N GLY A 133 11.92 -3.29 -11.16
CA GLY A 133 13.12 -3.02 -10.37
C GLY A 133 13.61 -4.14 -9.49
N GLN A 134 14.62 -3.84 -8.70
CA GLN A 134 15.21 -4.82 -7.80
C GLN A 134 14.42 -4.77 -6.50
N LYS A 135 14.22 -5.94 -5.89
CA LYS A 135 13.47 -6.11 -4.63
C LYS A 135 14.33 -6.73 -3.56
N ILE A 136 14.06 -6.36 -2.32
CA ILE A 136 14.68 -7.01 -1.15
C ILE A 136 13.55 -7.16 -0.13
N ILE A 137 13.38 -8.38 0.40
CA ILE A 137 12.42 -8.68 1.48
C ILE A 137 13.27 -9.27 2.59
N PRO A 139 13.52 -10.40 6.71
CA PRO A 139 12.88 -10.70 7.97
C PRO A 139 13.66 -10.14 9.16
N PHE A 140 12.92 -9.77 10.18
CA PHE A 140 13.45 -9.27 11.43
C PHE A 140 12.72 -10.03 12.55
N SER A 141 13.43 -10.87 13.29
CA SER A 141 12.80 -11.78 14.28
C SER A 141 13.04 -11.43 15.75
N SER A 142 12.20 -12.00 16.60
CA SER A 142 12.29 -11.89 18.05
C SER A 142 11.44 -12.95 18.74
N ILE A 143 11.58 -13.04 20.05
CA ILE A 143 10.75 -13.91 20.88
C ILE A 143 9.21 -13.58 20.80
N TYR A 144 8.85 -12.38 20.33
CA TYR A 144 7.46 -11.96 20.17
C TYR A 144 6.89 -12.08 18.77
N GLY A 145 7.71 -12.51 17.80
CA GLY A 145 7.31 -12.69 16.40
C GLY A 145 8.23 -11.96 15.44
N THR A 146 7.82 -11.96 14.16
CA THR A 146 8.63 -11.50 13.03
C THR A 146 8.07 -10.28 12.32
N ALA A 147 8.95 -9.36 11.93
CA ALA A 147 8.57 -8.21 11.09
C ALA A 147 9.28 -8.45 9.76
N TYR A 148 8.68 -7.97 8.68
CA TYR A 148 9.27 -8.03 7.32
C TYR A 148 9.29 -6.66 6.73
N ILE A 149 10.43 -6.25 6.14
CA ILE A 149 10.51 -4.99 5.40
C ILE A 149 10.82 -5.33 3.97
N GLU A 150 10.01 -4.81 3.02
CA GLU A 150 10.28 -4.95 1.59
C GLU A 150 10.55 -3.57 0.99
N ILE A 151 11.68 -3.44 0.28
CA ILE A 151 12.05 -2.22 -0.46
C ILE A 151 12.14 -2.58 -1.94
N CYS A 152 11.50 -1.78 -2.79
CA CYS A 152 11.49 -2.00 -4.24
C CYS A 152 11.72 -0.66 -4.94
N PHE A 153 12.61 -0.64 -5.92
CA PHE A 153 12.96 0.62 -6.62
C PHE A 153 13.39 0.35 -8.06
N GLU A 154 13.02 1.25 -8.97
CA GLU A 154 13.40 1.18 -10.40
C GLU A 154 13.77 2.58 -10.89
N GLY A 155 14.88 2.71 -11.62
CA GLY A 155 15.26 4.01 -12.22
C GLY A 155 16.72 4.17 -12.58
N ASN B 3 -12.10 18.42 -3.63
CA ASN B 3 -12.74 18.96 -4.86
C ASN B 3 -13.13 17.82 -5.81
N VAL B 4 -14.29 17.98 -6.45
CA VAL B 4 -14.89 16.93 -7.28
C VAL B 4 -14.17 16.70 -8.61
N ASP B 5 -13.71 17.77 -9.26
CA ASP B 5 -12.94 17.69 -10.53
C ASP B 5 -11.62 16.91 -10.43
N PHE B 6 -11.09 16.79 -9.20
CA PHE B 6 -9.93 15.99 -8.87
C PHE B 6 -10.32 14.51 -8.68
N ILE B 7 -11.41 14.27 -7.93
CA ILE B 7 -11.91 12.92 -7.63
C ILE B 7 -12.46 12.19 -8.86
N ASN B 8 -13.35 12.86 -9.62
CA ASN B 8 -14.02 12.24 -10.79
C ASN B 8 -13.12 11.47 -11.78
N PRO B 9 -11.99 12.05 -12.23
CA PRO B 9 -11.05 11.35 -13.14
C PRO B 9 -10.60 9.95 -12.69
N PHE B 10 -10.49 9.72 -11.38
CA PHE B 10 -10.16 8.39 -10.83
C PHE B 10 -11.38 7.47 -10.92
N LEU B 11 -12.53 8.00 -10.51
CA LEU B 11 -13.81 7.27 -10.60
C LEU B 11 -14.17 6.94 -12.06
N ASP B 12 -13.89 7.88 -12.97
CA ASP B 12 -14.15 7.69 -14.40
C ASP B 12 -13.15 6.73 -15.05
N SER B 13 -11.87 6.80 -14.65
CA SER B 13 -10.83 5.86 -15.14
C SER B 13 -11.19 4.45 -14.75
N LEU B 14 -11.65 4.25 -13.51
CA LEU B 14 -12.06 2.93 -13.03
C LEU B 14 -13.16 2.36 -13.93
N LEU B 15 -14.27 3.11 -14.04
CA LEU B 15 -15.40 2.69 -14.86
C LEU B 15 -15.03 2.49 -16.34
N ASN B 16 -14.17 3.37 -16.88
CA ASN B 16 -13.69 3.25 -18.25
C ASN B 16 -12.81 2.02 -18.45
N VAL B 17 -11.90 1.76 -17.51
CA VAL B 17 -11.01 0.59 -17.57
C VAL B 17 -11.84 -0.71 -17.56
N LEU B 18 -12.79 -0.82 -16.64
CA LEU B 18 -13.65 -2.01 -16.55
C LEU B 18 -14.60 -2.15 -17.75
N LYS B 19 -15.04 -1.02 -18.32
CA LYS B 19 -15.91 -1.01 -19.48
C LYS B 19 -15.16 -1.48 -20.72
N THR B 20 -14.04 -0.83 -21.01
CA THR B 20 -13.25 -1.14 -22.22
C THR B 20 -12.48 -2.47 -22.18
N ALA B 22 -13.12 -5.23 -19.66
CA ALA B 22 -13.97 -6.36 -19.20
C ALA B 22 -15.44 -6.33 -19.63
N ASN B 23 -15.84 -5.34 -20.45
CA ASN B 23 -17.24 -5.10 -20.89
C ASN B 23 -18.19 -5.20 -19.68
N GLU B 25 -20.04 -2.89 -16.47
CA GLU B 25 -20.53 -1.61 -15.97
C GLU B 25 -20.87 -1.79 -14.50
N LEU B 26 -19.97 -1.34 -13.63
CA LEU B 26 -20.20 -1.39 -12.18
C LEU B 26 -21.12 -0.23 -11.78
N LYS B 27 -21.93 -0.46 -10.75
CA LYS B 27 -22.92 0.51 -10.26
C LYS B 27 -22.31 1.33 -9.09
N PRO B 28 -22.08 2.65 -9.26
CA PRO B 28 -21.52 3.44 -8.13
C PRO B 28 -22.50 3.62 -6.97
N GLY B 29 -22.05 3.36 -5.73
CA GLY B 29 -22.89 3.51 -4.54
C GLY B 29 -22.61 4.84 -3.84
N LYS B 30 -23.20 5.00 -2.66
CA LYS B 30 -23.07 6.22 -1.86
C LYS B 30 -21.61 6.36 -1.32
N PRO B 31 -20.94 7.51 -1.59
CA PRO B 31 -19.58 7.69 -1.10
C PRO B 31 -19.54 7.98 0.40
N ASN B 32 -18.37 7.73 1.00
CA ASN B 32 -18.13 7.96 2.44
C ASN B 32 -16.97 8.97 2.46
N LEU B 33 -17.20 10.13 3.07
CA LEU B 33 -16.22 11.22 3.14
C LEU B 33 -15.54 11.37 4.52
N LYS B 34 -15.73 10.42 5.46
CA LYS B 34 -15.22 10.60 6.84
C LYS B 34 -14.92 9.36 7.71
N LYS B 35 -14.56 8.23 7.10
CA LYS B 35 -14.19 7.00 7.84
C LYS B 35 -13.80 5.84 6.91
N ASP B 36 -12.58 5.33 7.07
CA ASP B 36 -12.09 4.14 6.33
C ASP B 36 -11.80 3.01 7.37
N ASN B 37 -11.24 1.89 6.92
CA ASN B 37 -10.96 0.71 7.76
C ASN B 37 -12.28 0.00 8.22
N LEU B 38 -13.32 0.07 7.37
CA LEU B 38 -14.61 -0.59 7.59
C LEU B 38 -14.80 -1.62 6.47
N ALA B 39 -14.77 -1.15 5.20
CA ALA B 39 -14.96 -2.02 4.02
C ALA B 39 -13.89 -3.15 3.86
N LYS B 40 -14.35 -4.41 3.85
CA LYS B 40 -13.49 -5.59 3.69
C LYS B 40 -13.25 -5.94 2.21
N GLY B 41 -12.04 -6.38 1.88
CA GLY B 41 -11.71 -6.87 0.55
C GLY B 41 -10.79 -8.06 0.62
N ASP B 42 -10.65 -8.73 -0.52
CA ASP B 42 -9.83 -9.93 -0.62
C ASP B 42 -8.48 -9.68 -1.33
N VAL B 43 -8.45 -8.75 -2.28
CA VAL B 43 -7.19 -8.35 -2.98
C VAL B 43 -7.31 -6.85 -3.24
N SER B 44 -6.23 -6.10 -3.05
CA SER B 44 -6.20 -4.65 -3.20
C SER B 44 -4.98 -4.18 -3.96
N GLY B 45 -5.18 -3.19 -4.84
CA GLY B 45 -4.08 -2.50 -5.53
C GLY B 45 -3.94 -1.16 -4.83
N LEU B 46 -2.69 -0.82 -4.47
CA LEU B 46 -2.37 0.40 -3.72
C LEU B 46 -1.22 1.15 -4.44
N ILE B 47 -1.32 2.48 -4.55
CA ILE B 47 -0.32 3.28 -5.22
C ILE B 47 -0.23 4.67 -4.58
N GLY B 48 1.00 5.13 -4.38
CA GLY B 48 1.31 6.43 -3.83
C GLY B 48 1.50 7.46 -4.93
N VAL B 50 2.79 11.68 -5.60
CA VAL B 50 3.49 12.88 -5.15
C VAL B 50 3.41 13.95 -6.26
N GLY B 51 3.02 15.17 -5.88
CA GLY B 51 3.00 16.34 -6.78
C GLY B 51 3.74 17.50 -6.12
N PRO B 52 3.85 18.66 -6.81
CA PRO B 52 4.52 19.83 -6.20
C PRO B 52 3.78 20.32 -4.93
N GLN B 53 4.46 20.21 -3.79
CA GLN B 53 3.90 20.48 -2.44
C GLN B 53 2.61 19.64 -2.10
N THR B 54 2.45 18.48 -2.74
CA THR B 54 1.28 17.61 -2.53
C THR B 54 1.68 16.13 -2.48
N LYS B 55 0.98 15.36 -1.66
CA LYS B 55 1.19 13.92 -1.60
C LYS B 55 -0.11 13.20 -1.32
N GLY B 56 -0.24 12.01 -1.90
CA GLY B 56 -1.46 11.22 -1.77
C GLY B 56 -1.33 9.74 -1.98
N SER B 57 -2.48 9.08 -2.02
CA SER B 57 -2.55 7.62 -2.15
C SER B 57 -3.90 7.18 -2.67
N LEU B 58 -3.88 6.10 -3.46
CA LEU B 58 -5.08 5.48 -4.04
C LEU B 58 -5.04 3.96 -3.77
N SER B 59 -6.21 3.42 -3.46
CA SER B 59 -6.38 2.00 -3.26
C SER B 59 -7.64 1.55 -3.99
N ILE B 60 -7.56 0.37 -4.63
CA ILE B 60 -8.70 -0.28 -5.32
C ILE B 60 -8.75 -1.65 -4.67
N THR B 61 -9.81 -1.92 -3.90
CA THR B 61 -10.01 -3.16 -3.17
C THR B 61 -11.14 -3.96 -3.84
N PHE B 62 -10.96 -5.29 -3.97
CA PHE B 62 -11.96 -6.19 -4.59
C PHE B 62 -12.34 -7.37 -3.72
N GLU B 63 -13.65 -7.67 -3.68
CA GLU B 63 -14.12 -8.94 -3.14
C GLU B 63 -13.64 -10.02 -4.12
N GLU B 64 -13.31 -11.21 -3.62
CA GLU B 64 -12.80 -12.31 -4.45
C GLU B 64 -13.67 -12.65 -5.66
N THR B 65 -14.98 -12.79 -5.44
CA THR B 65 -15.89 -13.14 -6.54
C THR B 65 -15.84 -12.10 -7.70
N LEU B 66 -15.67 -10.81 -7.36
CA LEU B 66 -15.60 -9.75 -8.40
C LEU B 66 -14.32 -9.82 -9.22
N ILE B 67 -13.17 -9.83 -8.56
CA ILE B 67 -11.86 -9.91 -9.28
C ILE B 67 -11.72 -11.18 -10.14
N LEU B 68 -12.19 -12.34 -9.64
CA LEU B 68 -12.17 -13.58 -10.44
C LEU B 68 -13.07 -13.49 -11.69
N GLU B 69 -14.20 -12.79 -11.59
CA GLU B 69 -15.06 -12.57 -12.76
C GLU B 69 -14.42 -11.57 -13.75
N ILE B 70 -13.71 -10.55 -13.23
CA ILE B 70 -12.95 -9.59 -14.06
C ILE B 70 -11.87 -10.36 -14.86
N ASN B 72 -11.98 -13.55 -15.68
CA ASN B 72 -12.76 -14.32 -16.64
C ASN B 72 -13.12 -13.52 -17.90
N LYS B 73 -13.56 -12.27 -17.75
CA LYS B 73 -13.88 -11.41 -18.91
C LYS B 73 -12.62 -10.88 -19.63
N LEU B 75 -9.46 -12.32 -19.62
CA LEU B 75 -8.65 -13.45 -20.14
C LEU B 75 -9.41 -14.75 -20.49
N GLY B 76 -10.75 -14.74 -20.50
CA GLY B 76 -11.51 -15.94 -20.90
C GLY B 76 -11.48 -17.16 -19.99
N GLU B 77 -10.88 -17.05 -18.80
CA GLU B 77 -10.79 -18.17 -17.84
C GLU B 77 -10.68 -17.67 -16.37
N LYS B 78 -11.38 -18.39 -15.47
CA LYS B 78 -11.58 -18.06 -14.05
C LYS B 78 -10.61 -18.94 -13.21
N PRO B 79 -9.71 -18.31 -12.41
CA PRO B 79 -8.76 -19.11 -11.63
C PRO B 79 -9.21 -19.91 -10.41
N GLU B 80 -10.46 -19.82 -9.95
CA GLU B 80 -10.96 -20.50 -8.69
C GLU B 80 -10.62 -19.75 -7.39
N SER B 81 -9.34 -19.36 -7.23
CA SER B 81 -8.88 -18.50 -6.12
C SER B 81 -7.90 -17.41 -6.59
N ILE B 82 -7.74 -16.40 -5.74
CA ILE B 82 -6.80 -15.30 -5.99
C ILE B 82 -5.42 -15.94 -5.95
N ASP B 83 -4.72 -15.94 -7.08
CA ASP B 83 -3.38 -16.54 -7.20
C ASP B 83 -2.43 -15.44 -7.65
N GLU B 84 -1.22 -15.83 -8.07
CA GLU B 84 -0.20 -14.86 -8.51
C GLU B 84 -0.66 -14.07 -9.76
N GLU B 85 -1.17 -14.75 -10.79
CA GLU B 85 -1.67 -14.07 -12.00
C GLU B 85 -2.76 -13.02 -11.70
N VAL B 86 -3.65 -13.33 -10.74
CA VAL B 86 -4.67 -12.37 -10.30
C VAL B 86 -4.02 -11.13 -9.66
N THR B 87 -2.99 -11.32 -8.83
CA THR B 87 -2.30 -10.18 -8.22
C THR B 87 -1.65 -9.26 -9.29
N ASP B 88 -1.13 -9.86 -10.38
CA ASP B 88 -0.60 -9.10 -11.53
C ASP B 88 -1.71 -8.30 -12.22
N LEU B 89 -2.86 -8.92 -12.44
CA LEU B 89 -4.02 -8.22 -13.01
C LEU B 89 -4.39 -7.00 -12.14
N VAL B 90 -4.45 -7.18 -10.82
CA VAL B 90 -4.75 -6.08 -9.90
C VAL B 90 -3.69 -4.98 -10.02
N GLY B 91 -2.41 -5.34 -10.12
CA GLY B 91 -1.34 -4.35 -10.30
C GLY B 91 -1.55 -3.55 -11.60
N GLU B 92 -1.78 -4.26 -12.70
CA GLU B 92 -2.02 -3.63 -14.00
C GLU B 92 -3.24 -2.73 -13.99
N LEU B 93 -4.34 -3.18 -13.39
CA LEU B 93 -5.57 -2.38 -13.26
C LEU B 93 -5.33 -1.12 -12.45
N THR B 94 -4.55 -1.23 -11.37
CA THR B 94 -4.19 -0.06 -10.53
C THR B 94 -3.41 0.96 -11.34
N ASN B 95 -2.46 0.47 -12.14
CA ASN B 95 -1.72 1.34 -13.06
C ASN B 95 -2.59 2.02 -14.11
N VAL B 97 -5.99 2.61 -13.95
CA VAL B 97 -6.88 3.56 -13.27
C VAL B 97 -6.12 4.84 -12.92
N THR B 98 -4.94 4.68 -12.31
CA THR B 98 -4.13 5.80 -11.88
C THR B 98 -3.51 6.61 -13.03
N GLY B 99 -3.10 5.94 -14.10
CA GLY B 99 -2.52 6.60 -15.27
C GLY B 99 -3.54 7.38 -16.09
N GLY B 100 -4.73 6.79 -16.27
CA GLY B 100 -5.84 7.43 -16.97
C GLY B 100 -6.30 8.69 -16.24
N ALA B 101 -6.28 8.64 -14.91
CA ALA B 101 -6.62 9.78 -14.06
C ALA B 101 -5.53 10.86 -14.14
N LYS B 102 -4.25 10.45 -14.15
CA LYS B 102 -3.11 11.37 -14.28
C LYS B 102 -3.19 12.22 -15.58
N ASN B 103 -3.60 11.60 -16.70
CA ASN B 103 -3.73 12.30 -18.00
C ASN B 103 -4.83 13.33 -18.01
N LEU B 104 -6.01 12.96 -17.50
CA LEU B 104 -7.17 13.86 -17.44
C LEU B 104 -6.85 15.03 -16.51
N LEU B 105 -6.39 14.71 -15.29
CA LEU B 105 -6.01 15.71 -14.27
C LEU B 105 -4.88 16.66 -14.71
N SER B 106 -3.94 16.18 -15.52
CA SER B 106 -2.85 16.98 -16.08
C SER B 106 -3.43 18.10 -16.99
N ASP B 107 -4.50 17.79 -17.73
CA ASP B 107 -5.19 18.81 -18.55
C ASP B 107 -5.89 19.87 -17.67
N LYS B 108 -6.39 19.45 -16.50
CA LYS B 108 -7.01 20.37 -15.51
C LYS B 108 -6.04 21.21 -14.65
N GLY B 109 -4.72 21.00 -14.79
CA GLY B 109 -3.70 21.71 -14.04
C GLY B 109 -3.19 21.01 -12.78
N TYR B 110 -3.66 19.77 -12.52
CA TYR B 110 -3.22 18.95 -11.36
C TYR B 110 -2.15 17.98 -11.87
N GLU B 111 -0.92 18.16 -11.41
CA GLU B 111 0.23 17.34 -11.82
CA GLU B 111 0.24 17.36 -11.83
C GLU B 111 0.72 16.48 -10.67
N PHE B 112 1.03 15.22 -10.95
CA PHE B 112 1.57 14.29 -9.95
C PHE B 112 2.28 13.13 -10.64
N ASP B 113 3.23 12.54 -9.92
CA ASP B 113 3.94 11.34 -10.34
C ASP B 113 3.47 10.21 -9.44
N ALA B 115 4.00 6.32 -7.84
CA ALA B 115 5.00 5.37 -7.40
C ALA B 115 4.67 4.01 -8.02
N THR B 116 5.39 2.98 -7.57
CA THR B 116 5.17 1.55 -7.92
C THR B 116 3.90 1.07 -7.25
N PRO B 117 3.03 0.34 -7.96
CA PRO B 117 1.87 -0.23 -7.24
C PRO B 117 2.23 -1.45 -6.34
N ILE B 118 1.49 -1.57 -5.23
CA ILE B 118 1.61 -2.69 -4.31
C ILE B 118 0.27 -3.46 -4.32
N VAL B 119 0.34 -4.79 -4.41
CA VAL B 119 -0.84 -5.63 -4.32
C VAL B 119 -0.77 -6.39 -2.99
N VAL B 120 -1.86 -6.29 -2.23
CA VAL B 120 -2.06 -6.98 -0.98
C VAL B 120 -3.10 -8.08 -1.23
N SER B 121 -2.81 -9.31 -0.78
CA SER B 121 -3.71 -10.47 -0.90
C SER B 121 -3.96 -10.95 0.49
N GLY B 122 -5.22 -11.01 0.89
CA GLY B 122 -5.57 -11.48 2.18
C GLY B 122 -7.08 -11.48 2.35
N LYS B 123 -7.61 -12.56 2.89
CA LYS B 123 -9.07 -12.66 3.10
C LYS B 123 -9.60 -11.59 4.07
N ASN B 124 -10.54 -10.77 3.59
CA ASN B 124 -11.23 -9.79 4.42
C ASN B 124 -10.34 -8.79 5.13
N HIS B 125 -9.34 -8.26 4.38
CA HIS B 125 -8.47 -7.26 4.90
C HIS B 125 -9.15 -5.88 4.78
N THR B 126 -8.78 -4.95 5.65
CA THR B 126 -9.25 -3.58 5.56
C THR B 126 -8.03 -2.67 5.19
N ILE B 127 -8.32 -1.55 4.55
CA ILE B 127 -7.36 -0.53 4.17
C ILE B 127 -7.69 0.74 4.92
N ALA B 128 -6.62 1.43 5.34
CA ALA B 128 -6.70 2.74 5.99
C ALA B 128 -5.60 3.61 5.40
N HIS B 129 -5.96 4.79 4.90
CA HIS B 129 -5.01 5.77 4.36
C HIS B 129 -4.69 6.65 5.56
N LYS B 130 -3.45 6.61 6.04
CA LYS B 130 -3.05 7.34 7.26
C LYS B 130 -2.51 8.71 6.91
N SER B 131 -3.39 9.71 6.99
CA SER B 131 -3.09 11.09 6.62
C SER B 131 -4.20 12.04 7.13
N ASP B 132 -3.80 13.27 7.45
CA ASP B 132 -4.75 14.33 7.85
C ASP B 132 -5.48 14.92 6.63
N GLY B 133 -5.10 14.54 5.41
CA GLY B 133 -5.76 15.01 4.20
C GLY B 133 -7.22 14.62 4.02
N GLN B 134 -7.79 15.08 2.91
CA GLN B 134 -9.15 14.81 2.54
C GLN B 134 -9.22 13.45 1.86
N LYS B 135 -10.18 12.63 2.29
CA LYS B 135 -10.40 11.30 1.78
C LYS B 135 -11.79 11.16 1.16
N ILE B 136 -11.90 10.21 0.24
CA ILE B 136 -13.16 9.80 -0.36
C ILE B 136 -13.08 8.28 -0.57
N ILE B 137 -14.10 7.55 -0.11
CA ILE B 137 -14.26 6.10 -0.38
C ILE B 137 -15.54 5.98 -1.24
N PRO B 139 -17.94 2.92 -3.14
CA PRO B 139 -18.23 1.54 -3.52
C PRO B 139 -18.74 1.47 -4.98
N PHE B 140 -18.39 0.38 -5.66
CA PHE B 140 -18.84 0.07 -7.01
C PHE B 140 -19.29 -1.39 -6.96
N SER B 141 -20.56 -1.65 -7.25
CA SER B 141 -21.12 -3.01 -7.18
C SER B 141 -21.53 -3.58 -8.51
N SER B 142 -21.52 -4.91 -8.58
CA SER B 142 -22.14 -5.67 -9.69
C SER B 142 -22.75 -6.91 -9.04
N ILE B 143 -23.45 -7.73 -9.83
CA ILE B 143 -23.98 -9.01 -9.31
C ILE B 143 -22.88 -9.96 -8.77
N TYR B 144 -21.64 -9.79 -9.25
CA TYR B 144 -20.47 -10.60 -8.84
C TYR B 144 -19.67 -10.10 -7.62
N GLY B 145 -20.12 -9.02 -6.98
CA GLY B 145 -19.44 -8.48 -5.80
C GLY B 145 -19.20 -7.00 -5.87
N THR B 146 -18.48 -6.48 -4.88
CA THR B 146 -18.21 -5.06 -4.73
C THR B 146 -16.70 -4.77 -4.73
N ALA B 147 -16.36 -3.60 -5.28
CA ALA B 147 -15.03 -3.02 -5.30
C ALA B 147 -15.12 -1.66 -4.54
N TYR B 148 -14.05 -1.27 -3.86
CA TYR B 148 -13.99 0.02 -3.14
C TYR B 148 -12.79 0.80 -3.66
N ILE B 149 -12.99 2.03 -4.11
CA ILE B 149 -11.89 2.91 -4.50
C ILE B 149 -11.77 4.00 -3.42
N GLU B 150 -10.57 4.15 -2.83
CA GLU B 150 -10.28 5.19 -1.85
C GLU B 150 -9.15 6.07 -2.38
N ILE B 151 -9.35 7.38 -2.36
CA ILE B 151 -8.37 8.38 -2.82
C ILE B 151 -8.12 9.31 -1.61
N CYS B 152 -6.85 9.56 -1.32
CA CYS B 152 -6.44 10.45 -0.22
C CYS B 152 -5.39 11.45 -0.70
N PHE B 153 -5.50 12.72 -0.28
CA PHE B 153 -4.52 13.77 -0.65
C PHE B 153 -4.32 14.85 0.37
N GLU B 154 -3.06 15.30 0.47
CA GLU B 154 -2.62 16.43 1.30
C GLU B 154 -2.15 17.54 0.35
N GLY B 155 -2.38 18.79 0.75
CA GLY B 155 -1.89 19.98 0.01
C GLY B 155 -2.81 20.53 -1.07
#